data_7ZVB
#
_entry.id   7ZVB
#
_cell.length_a   54.760
_cell.length_b   49.950
_cell.length_c   59.860
_cell.angle_alpha   90.000
_cell.angle_beta   106.570
_cell.angle_gamma   90.000
#
_symmetry.space_group_name_H-M   'P 1 21 1'
#
loop_
_entity.id
_entity.type
_entity.pdbx_description
1 polymer 'C-terminal peptidase'
2 branched alpha-D-mannopyranose-(1-3)-alpha-D-mannopyranose-(1-6)-[alpha-D-mannopyranose-(1-3)]beta-D-mannopyranose-(1-4)-2-acetamido-2-deoxy-beta-D-glucopyranose-(1-4)-2-acetamido-2-deoxy-beta-D-glucopyranose
3 non-polymer 2-acetamido-2-deoxy-beta-D-glucopyranose
4 non-polymer 'TRIETHYLENE GLYCOL'
5 water water
#
_entity_poly.entity_id   1
_entity_poly.type   'polypeptide(L)'
_entity_poly.pdbx_seq_one_letter_code
;SANTNHQYAVIAYFYGNASLQGANATINIWEPNLKNPNGDFSLTQIWISAGSGSSLNTIEAGWQVYPGRTGDSQPRFFIY
WTADGYTSTGCYDLTCPGFVQTNNYYAIGMALQPSVYGGQQYELNESIQRDPATGNWWLYLWGTVVGYWPASIYNSITNG
ADTVEWGGEIYDSSGTGGFHTTTQMGSGHFPTEGYGKASYVRDLQCVDTYGNVISPTANSFQGIAPAPNCYNYQFQQGSS
ELYLFYGGPGCQAIAHHHHHH
;
_entity_poly.pdbx_strand_id   A
#
loop_
_chem_comp.id
_chem_comp.type
_chem_comp.name
_chem_comp.formula
BMA D-saccharide, beta linking beta-D-mannopyranose 'C6 H12 O6'
MAN D-saccharide, alpha linking alpha-D-mannopyranose 'C6 H12 O6'
NAG D-saccharide, beta linking 2-acetamido-2-deoxy-beta-D-glucopyranose 'C8 H15 N O6'
PGE non-polymer 'TRIETHYLENE GLYCOL' 'C6 H14 O4'
#
# COMPACT_ATOMS: atom_id res chain seq x y z
N THR A 4 -5.05 6.49 -13.60
CA THR A 4 -4.38 6.50 -14.90
C THR A 4 -2.85 6.60 -14.67
N ASN A 5 -2.07 5.76 -15.39
CA ASN A 5 -0.60 5.60 -15.29
C ASN A 5 -0.14 4.93 -13.97
N HIS A 6 -1.08 4.37 -13.22
CA HIS A 6 -0.79 3.60 -12.04
C HIS A 6 -0.90 2.13 -12.38
N GLN A 7 -0.01 1.31 -11.84
CA GLN A 7 -0.09 -0.13 -12.05
C GLN A 7 -0.05 -0.83 -10.70
N TYR A 8 -0.77 -1.94 -10.56
CA TYR A 8 -0.96 -2.62 -9.29
C TYR A 8 -0.74 -4.16 -9.31
N ALA A 9 -0.52 -4.71 -8.12
CA ALA A 9 -0.47 -6.12 -7.74
C ALA A 9 -0.99 -6.14 -6.32
N VAL A 10 -2.30 -6.12 -6.16
CA VAL A 10 -2.92 -6.00 -4.85
C VAL A 10 -3.98 -7.07 -4.61
N ILE A 11 -4.43 -7.21 -3.36
CA ILE A 11 -5.56 -8.08 -3.05
C ILE A 11 -6.60 -7.25 -2.34
N ALA A 12 -7.86 -7.59 -2.53
CA ALA A 12 -8.94 -6.87 -1.90
C ALA A 12 -9.84 -7.75 -1.09
N TYR A 13 -10.32 -7.21 0.01
CA TYR A 13 -11.28 -7.83 0.87
C TYR A 13 -12.49 -6.94 0.88
N PHE A 14 -13.53 -7.35 0.16
CA PHE A 14 -14.76 -6.58 0.15
C PHE A 14 -15.63 -7.13 1.27
N TYR A 15 -15.92 -6.32 2.27
CA TYR A 15 -16.74 -6.73 3.39
C TYR A 15 -18.24 -6.63 3.09
N GLY A 16 -18.63 -5.73 2.18
CA GLY A 16 -20.03 -5.63 1.81
C GLY A 16 -20.73 -4.46 2.42
N ASN A 17 -20.45 -4.19 3.70
CA ASN A 17 -20.99 -2.99 4.34
C ASN A 17 -19.87 -2.26 5.09
N ALA A 18 -20.02 -0.93 5.25
CA ALA A 18 -19.03 -0.08 5.90
C ALA A 18 -19.08 -0.24 7.44
N SER A 19 -18.62 -1.42 7.93
CA SER A 19 -18.69 -1.85 9.33
C SER A 19 -17.32 -2.37 9.87
N LEU A 20 -16.26 -2.48 9.03
CA LEU A 20 -14.94 -2.92 9.48
C LEU A 20 -14.32 -1.85 10.40
N GLN A 21 -13.88 -2.23 11.60
CA GLN A 21 -13.36 -1.28 12.58
C GLN A 21 -11.83 -1.18 12.64
N GLY A 22 -11.17 -1.53 11.55
CA GLY A 22 -9.72 -1.47 11.50
C GLY A 22 -9.13 -2.62 10.73
N ALA A 23 -7.80 -2.60 10.58
CA ALA A 23 -7.06 -3.60 9.81
C ALA A 23 -5.55 -3.50 10.13
N ASN A 24 -4.79 -4.54 9.78
CA ASN A 24 -3.36 -4.61 9.97
C ASN A 24 -2.62 -4.87 8.67
N ALA A 25 -1.31 -4.56 8.61
CA ALA A 25 -0.49 -4.90 7.44
C ALA A 25 0.99 -5.00 7.85
N THR A 26 1.63 -6.16 7.64
CA THR A 26 3.07 -6.29 7.93
C THR A 26 3.73 -6.42 6.59
N ILE A 27 4.31 -5.30 6.16
CA ILE A 27 4.82 -5.10 4.81
C ILE A 27 6.32 -5.23 4.70
N ASN A 28 6.79 -6.13 3.82
CA ASN A 28 8.22 -6.30 3.58
C ASN A 28 8.76 -5.00 2.94
N ILE A 29 9.86 -4.46 3.47
CA ILE A 29 10.42 -3.22 2.99
C ILE A 29 11.53 -3.47 1.98
N TRP A 30 11.46 -2.80 0.85
CA TRP A 30 12.47 -2.91 -0.20
C TRP A 30 12.77 -1.54 -0.78
N GLU A 31 13.88 -1.45 -1.50
CA GLU A 31 14.20 -0.22 -2.20
C GLU A 31 14.14 -0.48 -3.70
N PRO A 32 12.93 -0.53 -4.29
CA PRO A 32 12.84 -0.82 -5.73
C PRO A 32 13.43 0.33 -6.58
N ASN A 33 14.03 -0.04 -7.69
CA ASN A 33 14.60 0.92 -8.62
C ASN A 33 13.50 1.54 -9.50
N LEU A 34 13.68 2.81 -9.88
CA LEU A 34 12.76 3.53 -10.74
C LEU A 34 13.45 3.85 -12.05
N LYS A 35 12.75 3.63 -13.17
CA LYS A 35 13.26 3.90 -14.51
C LYS A 35 13.37 5.41 -14.73
N ASN A 36 12.36 6.17 -14.28
CA ASN A 36 12.32 7.63 -14.41
C ASN A 36 12.13 8.21 -13.01
N PRO A 37 13.17 8.19 -12.15
CA PRO A 37 12.99 8.60 -10.75
C PRO A 37 12.48 10.03 -10.51
N ASN A 38 12.68 10.94 -11.45
CA ASN A 38 12.25 12.32 -11.30
C ASN A 38 10.72 12.48 -11.26
N GLY A 39 9.96 11.47 -11.70
CA GLY A 39 8.49 11.51 -11.65
C GLY A 39 7.84 10.24 -11.14
N ASP A 40 8.52 9.08 -11.33
CA ASP A 40 8.00 7.79 -10.89
C ASP A 40 7.94 7.60 -9.38
N PHE A 41 7.06 6.69 -8.96
CA PHE A 41 7.05 6.23 -7.59
C PHE A 41 6.74 4.70 -7.59
N SER A 42 7.06 4.04 -6.49
CA SER A 42 6.82 2.63 -6.19
C SER A 42 6.48 2.53 -4.71
N LEU A 43 5.38 1.85 -4.36
CA LEU A 43 4.99 1.78 -2.97
C LEU A 43 4.35 0.45 -2.63
N THR A 44 4.19 0.19 -1.33
CA THR A 44 3.41 -0.94 -0.82
C THR A 44 2.62 -0.42 0.37
N GLN A 45 1.31 -0.70 0.40
CA GLN A 45 0.50 -0.13 1.48
C GLN A 45 -0.79 -0.88 1.72
N ILE A 46 -1.53 -0.43 2.73
CA ILE A 46 -2.88 -0.84 3.01
C ILE A 46 -3.78 0.32 2.50
N TRP A 47 -4.99 -0.02 2.07
CA TRP A 47 -6.03 0.90 1.69
C TRP A 47 -7.23 0.51 2.48
N ILE A 48 -7.66 1.34 3.42
CA ILE A 48 -8.86 1.04 4.19
C ILE A 48 -9.89 2.02 3.70
N SER A 49 -11.00 1.54 3.13
CA SER A 49 -11.92 2.43 2.47
C SER A 49 -13.41 2.16 2.65
N ALA A 50 -14.20 3.21 2.35
CA ALA A 50 -15.66 3.14 2.33
C ALA A 50 -16.17 4.01 1.16
N GLY A 51 -17.21 3.54 0.47
CA GLY A 51 -17.76 4.26 -0.67
C GLY A 51 -17.03 4.00 -1.98
N SER A 52 -17.36 4.79 -2.99
CA SER A 52 -16.78 4.71 -4.34
C SER A 52 -17.06 6.00 -5.12
N GLY A 53 -16.27 6.24 -6.16
CA GLY A 53 -16.38 7.47 -6.94
C GLY A 53 -15.99 8.64 -6.09
N SER A 54 -16.80 9.71 -6.11
CA SER A 54 -16.57 10.91 -5.29
C SER A 54 -16.90 10.67 -3.81
N SER A 55 -17.67 9.62 -3.47
CA SER A 55 -17.96 9.30 -2.06
C SER A 55 -16.85 8.43 -1.43
N LEU A 56 -15.77 8.11 -2.16
CA LEU A 56 -14.73 7.24 -1.65
C LEU A 56 -13.88 7.91 -0.55
N ASN A 57 -13.71 7.21 0.59
CA ASN A 57 -12.89 7.67 1.71
C ASN A 57 -11.77 6.67 1.90
N THR A 58 -10.51 7.13 2.00
CA THR A 58 -9.39 6.23 2.20
C THR A 58 -8.59 6.60 3.43
N ILE A 59 -7.94 5.59 3.98
CA ILE A 59 -6.98 5.57 5.05
C ILE A 59 -5.86 4.76 4.48
N GLU A 60 -4.73 5.39 4.24
CA GLU A 60 -3.61 4.75 3.56
C GLU A 60 -2.34 4.86 4.35
N ALA A 61 -1.52 3.81 4.33
CA ALA A 61 -0.27 3.78 5.10
C ALA A 61 0.65 2.73 4.52
N GLY A 62 1.94 3.01 4.46
CA GLY A 62 2.89 2.05 3.94
C GLY A 62 4.25 2.63 3.64
N TRP A 63 4.99 2.03 2.71
CA TRP A 63 6.29 2.56 2.31
C TRP A 63 6.24 3.05 0.85
N GLN A 64 7.10 4.02 0.51
CA GLN A 64 7.13 4.57 -0.82
C GLN A 64 8.48 5.12 -1.20
N VAL A 65 8.95 4.72 -2.37
CA VAL A 65 10.13 5.27 -3.01
C VAL A 65 9.58 6.28 -3.99
N TYR A 66 9.64 7.58 -3.69
CA TYR A 66 9.13 8.68 -4.52
C TYR A 66 10.15 9.83 -4.53
N PRO A 67 11.20 9.78 -5.36
CA PRO A 67 12.24 10.82 -5.31
C PRO A 67 11.73 12.25 -5.54
N GLY A 68 10.76 12.42 -6.42
CA GLY A 68 10.20 13.73 -6.71
C GLY A 68 9.44 14.35 -5.56
N ARG A 69 9.07 13.56 -4.55
CA ARG A 69 8.33 14.06 -3.39
C ARG A 69 9.22 14.12 -2.15
N THR A 70 9.95 13.02 -1.86
CA THR A 70 10.76 12.87 -0.65
C THR A 70 12.19 13.41 -0.77
N GLY A 71 12.72 13.49 -1.99
CA GLY A 71 14.07 13.98 -2.20
C GLY A 71 15.12 12.90 -2.42
N ASP A 72 14.77 11.63 -2.15
CA ASP A 72 15.74 10.55 -2.33
C ASP A 72 15.06 9.22 -2.76
N SER A 73 15.87 8.19 -2.99
CA SER A 73 15.38 6.89 -3.44
C SER A 73 15.06 5.92 -2.31
N GLN A 74 15.24 6.32 -1.05
CA GLN A 74 14.95 5.45 0.08
C GLN A 74 13.45 5.15 0.25
N PRO A 75 13.10 3.91 0.65
CA PRO A 75 11.69 3.64 1.02
C PRO A 75 11.34 4.43 2.27
N ARG A 76 10.21 5.12 2.28
CA ARG A 76 9.83 5.93 3.43
C ARG A 76 8.44 5.62 3.88
N PHE A 77 8.22 5.71 5.19
CA PHE A 77 6.89 5.53 5.73
C PHE A 77 6.01 6.70 5.30
N PHE A 78 4.88 6.40 4.69
CA PHE A 78 3.97 7.42 4.23
C PHE A 78 2.55 7.08 4.67
N ILE A 79 1.73 8.13 4.75
CA ILE A 79 0.31 8.05 4.98
C ILE A 79 -0.39 8.89 3.89
N TYR A 80 -1.66 8.64 3.72
CA TYR A 80 -2.49 9.37 2.78
C TYR A 80 -3.93 9.19 3.21
N TRP A 81 -4.77 10.12 2.84
CA TRP A 81 -6.19 10.02 3.08
C TRP A 81 -6.93 10.72 1.98
N THR A 82 -8.18 10.33 1.77
CA THR A 82 -9.06 11.05 0.88
C THR A 82 -10.46 10.92 1.42
N ALA A 83 -11.23 11.95 1.19
CA ALA A 83 -12.62 11.96 1.58
C ALA A 83 -13.53 12.22 0.37
N ASP A 84 -12.97 12.42 -0.85
CA ASP A 84 -13.77 12.62 -2.04
C ASP A 84 -13.16 11.90 -3.26
N GLY A 85 -12.55 10.74 -3.03
CA GLY A 85 -11.98 9.94 -4.11
C GLY A 85 -10.94 10.69 -4.94
N TYR A 86 -10.03 11.39 -4.23
CA TYR A 86 -8.86 12.14 -4.68
C TYR A 86 -9.14 13.35 -5.57
N THR A 87 -10.34 13.97 -5.52
CA THR A 87 -10.57 15.14 -6.38
C THR A 87 -9.92 16.37 -5.76
N SER A 88 -10.31 16.77 -4.55
CA SER A 88 -9.74 17.95 -3.89
C SER A 88 -9.48 17.77 -2.37
N THR A 89 -9.56 16.53 -1.85
CA THR A 89 -9.30 16.30 -0.42
C THR A 89 -8.27 15.20 -0.25
N GLY A 90 -7.42 15.34 0.76
CA GLY A 90 -6.37 14.38 1.04
C GLY A 90 -5.00 14.87 0.62
N CYS A 91 -3.98 14.29 1.22
CA CYS A 91 -2.58 14.69 1.00
C CYS A 91 -1.68 13.66 1.58
N TYR A 92 -0.37 13.75 1.27
CA TYR A 92 0.60 12.87 1.89
C TYR A 92 0.96 13.38 3.26
N ASP A 93 1.30 12.46 4.15
CA ASP A 93 1.88 12.71 5.46
C ASP A 93 1.19 13.89 6.22
N LEU A 94 1.92 14.94 6.64
CA LEU A 94 1.33 16.07 7.35
C LEU A 94 1.35 17.36 6.49
N THR A 95 1.35 17.22 5.14
CA THR A 95 1.40 18.34 4.21
C THR A 95 0.08 19.16 4.16
N CYS A 96 -1.02 18.57 4.62
CA CYS A 96 -2.30 19.28 4.71
C CYS A 96 -2.96 18.93 6.06
N PRO A 97 -3.87 19.78 6.57
CA PRO A 97 -4.60 19.40 7.79
C PRO A 97 -5.49 18.19 7.51
N GLY A 98 -5.38 17.20 8.37
CA GLY A 98 -6.10 15.94 8.26
C GLY A 98 -5.60 15.02 9.33
N PHE A 99 -4.51 14.28 9.07
CA PHE A 99 -3.92 13.40 10.08
C PHE A 99 -3.33 14.23 11.23
N VAL A 100 -3.57 13.77 12.47
CA VAL A 100 -3.09 14.41 13.70
C VAL A 100 -2.06 13.53 14.35
N GLN A 101 -0.79 13.98 14.48
CA GLN A 101 0.23 13.17 15.13
C GLN A 101 0.24 13.43 16.61
N THR A 102 0.02 12.39 17.43
CA THR A 102 0.00 12.53 18.87
C THR A 102 1.33 12.09 19.50
N ASN A 103 2.00 11.09 18.90
CA ASN A 103 3.26 10.59 19.44
C ASN A 103 4.30 10.76 18.37
N ASN A 104 5.34 11.55 18.67
CA ASN A 104 6.42 11.85 17.75
C ASN A 104 7.58 10.83 17.88
N TYR A 105 7.37 9.64 18.53
CA TYR A 105 8.43 8.61 18.65
C TYR A 105 8.93 8.22 17.26
N TYR A 106 7.99 8.04 16.31
CA TYR A 106 8.32 7.78 14.92
C TYR A 106 8.00 9.04 14.10
N ALA A 107 8.86 9.37 13.14
CA ALA A 107 8.60 10.52 12.28
C ALA A 107 7.76 10.07 11.09
N ILE A 108 6.76 10.87 10.69
CA ILE A 108 5.99 10.50 9.51
C ILE A 108 6.86 10.88 8.32
N GLY A 109 7.09 9.92 7.43
CA GLY A 109 7.99 10.12 6.30
C GLY A 109 9.39 9.56 6.55
N MET A 110 9.61 8.93 7.71
CA MET A 110 10.91 8.37 8.07
C MET A 110 11.43 7.39 7.02
N ALA A 111 12.71 7.53 6.67
CA ALA A 111 13.38 6.59 5.78
C ALA A 111 13.49 5.23 6.46
N LEU A 112 13.13 4.15 5.78
CA LEU A 112 13.18 2.81 6.36
C LEU A 112 14.36 2.00 5.84
N GLN A 113 14.72 0.92 6.57
CA GLN A 113 15.83 0.08 6.13
C GLN A 113 15.35 -0.92 5.11
N PRO A 114 15.94 -0.90 3.90
CA PRO A 114 15.51 -1.82 2.86
C PRO A 114 16.02 -3.25 3.03
N SER A 115 15.24 -4.23 2.56
CA SER A 115 15.69 -5.63 2.66
C SER A 115 16.77 -5.95 1.64
N VAL A 116 17.54 -7.00 1.92
CA VAL A 116 18.58 -7.45 1.01
C VAL A 116 18.08 -8.69 0.29
N TYR A 117 18.26 -8.75 -1.04
CA TYR A 117 17.90 -9.89 -1.87
C TYR A 117 18.71 -11.10 -1.43
N GLY A 118 18.01 -12.14 -1.03
CA GLY A 118 18.57 -13.37 -0.48
C GLY A 118 19.15 -13.21 0.92
N GLY A 119 18.93 -12.05 1.52
CA GLY A 119 19.49 -11.75 2.82
C GLY A 119 18.52 -11.22 3.84
N GLN A 120 18.97 -10.22 4.59
CA GLN A 120 18.23 -9.61 5.68
C GLN A 120 16.88 -9.08 5.22
N GLN A 121 15.81 -9.49 5.92
CA GLN A 121 14.46 -9.07 5.66
C GLN A 121 13.97 -8.14 6.78
N TYR A 122 13.41 -6.97 6.40
CA TYR A 122 12.84 -6.00 7.33
C TYR A 122 11.32 -5.92 7.14
N GLU A 123 10.58 -5.46 8.16
CA GLU A 123 9.11 -5.38 8.06
C GLU A 123 8.52 -4.11 8.67
N LEU A 124 7.54 -3.57 7.98
CA LEU A 124 6.78 -2.43 8.42
C LEU A 124 5.46 -2.95 8.96
N ASN A 125 5.36 -3.03 10.28
CA ASN A 125 4.13 -3.45 10.92
C ASN A 125 3.30 -2.21 11.25
N GLU A 126 2.15 -2.10 10.62
CA GLU A 126 1.22 -1.01 10.84
C GLU A 126 -0.14 -1.63 11.23
N SER A 127 -0.78 -1.03 12.24
CA SER A 127 -2.06 -1.47 12.77
C SER A 127 -2.96 -0.26 12.86
N ILE A 128 -4.16 -0.34 12.31
CA ILE A 128 -5.10 0.77 12.36
C ILE A 128 -6.42 0.30 12.96
N GLN A 129 -7.04 1.10 13.83
CA GLN A 129 -8.32 0.75 14.43
C GLN A 129 -9.12 1.98 14.73
N ARG A 130 -10.39 1.90 14.41
CA ARG A 130 -11.32 2.96 14.63
C ARG A 130 -11.72 2.96 16.10
N ASP A 131 -11.85 4.14 16.67
CA ASP A 131 -12.31 4.35 18.02
C ASP A 131 -13.84 4.54 17.88
N PRO A 132 -14.63 3.62 18.46
CA PRO A 132 -16.10 3.71 18.31
C PRO A 132 -16.73 4.94 18.96
N ALA A 133 -16.08 5.52 19.98
CA ALA A 133 -16.64 6.67 20.70
C ALA A 133 -16.56 8.00 19.91
N THR A 134 -15.67 8.09 18.89
CA THR A 134 -15.44 9.31 18.11
C THR A 134 -15.49 9.12 16.61
N GLY A 135 -15.09 7.94 16.15
CA GLY A 135 -15.00 7.65 14.72
C GLY A 135 -13.61 7.90 14.16
N ASN A 136 -12.61 8.23 15.04
CA ASN A 136 -11.22 8.48 14.67
C ASN A 136 -10.51 7.17 14.43
N TRP A 137 -9.60 7.13 13.46
CA TRP A 137 -8.86 5.92 13.10
C TRP A 137 -7.42 6.03 13.56
N TRP A 138 -7.00 5.22 14.52
CA TRP A 138 -5.66 5.34 15.10
C TRP A 138 -4.62 4.48 14.44
N LEU A 139 -3.43 5.04 14.25
CA LEU A 139 -2.33 4.35 13.59
C LEU A 139 -1.26 3.94 14.61
N TYR A 140 -0.82 2.69 14.57
CA TYR A 140 0.25 2.17 15.44
C TYR A 140 1.38 1.56 14.59
N LEU A 141 2.61 2.07 14.66
CA LEU A 141 3.74 1.48 13.94
C LEU A 141 4.52 0.62 14.93
N TRP A 142 4.68 -0.67 14.65
CA TRP A 142 5.33 -1.63 15.51
C TRP A 142 4.93 -1.50 17.00
N GLY A 143 3.62 -1.45 17.25
CA GLY A 143 3.04 -1.35 18.59
C GLY A 143 2.98 0.04 19.19
N THR A 144 3.66 1.04 18.58
CA THR A 144 3.72 2.40 19.11
C THR A 144 2.73 3.33 18.39
N VAL A 145 1.85 3.95 19.16
CA VAL A 145 0.85 4.86 18.61
C VAL A 145 1.52 6.05 17.88
N VAL A 146 0.92 6.51 16.78
CA VAL A 146 1.47 7.59 15.96
C VAL A 146 0.49 8.79 16.00
N GLY A 147 -0.78 8.50 15.76
CA GLY A 147 -1.83 9.49 15.77
C GLY A 147 -3.10 8.95 15.12
N TYR A 148 -3.94 9.85 14.59
CA TYR A 148 -5.21 9.44 14.03
C TYR A 148 -5.68 10.31 12.86
N TRP A 149 -6.56 9.69 12.07
CA TRP A 149 -7.35 10.25 11.01
C TRP A 149 -8.67 10.58 11.65
N PRO A 150 -8.93 11.87 11.91
CA PRO A 150 -10.16 12.24 12.62
C PRO A 150 -11.40 11.99 11.79
N ALA A 151 -12.52 11.73 12.47
CA ALA A 151 -13.79 11.53 11.78
C ALA A 151 -14.28 12.83 11.13
N SER A 152 -13.79 14.00 11.59
CA SER A 152 -14.11 15.35 11.12
C SER A 152 -13.83 15.54 9.65
N ILE A 153 -12.85 14.82 9.09
CA ILE A 153 -12.48 14.94 7.68
C ILE A 153 -13.21 13.91 6.79
N TYR A 154 -14.01 12.98 7.37
CA TYR A 154 -14.64 11.91 6.62
C TYR A 154 -16.18 11.95 6.59
N ASN A 155 -16.77 11.15 5.67
CA ASN A 155 -18.22 11.02 5.53
C ASN A 155 -18.61 9.51 5.43
N SER A 156 -18.28 8.82 4.33
CA SER A 156 -18.69 7.43 4.16
C SER A 156 -17.96 6.43 5.07
N ILE A 157 -16.75 6.77 5.55
CA ILE A 157 -16.02 5.84 6.43
C ILE A 157 -16.19 6.21 7.91
N THR A 158 -17.04 7.21 8.28
CA THR A 158 -17.18 7.60 9.70
C THR A 158 -17.59 6.45 10.63
N ASN A 159 -18.37 5.45 10.16
CA ASN A 159 -18.76 4.35 11.05
C ASN A 159 -18.00 3.04 10.83
N GLY A 160 -17.05 3.03 9.90
CA GLY A 160 -16.28 1.84 9.57
C GLY A 160 -16.01 1.71 8.08
N ALA A 161 -15.20 0.73 7.69
CA ALA A 161 -14.82 0.53 6.30
C ALA A 161 -15.56 -0.64 5.64
N ASP A 162 -15.71 -0.62 4.33
CA ASP A 162 -16.33 -1.75 3.60
C ASP A 162 -15.28 -2.55 2.82
N THR A 163 -14.08 -2.00 2.60
CA THR A 163 -13.06 -2.64 1.79
C THR A 163 -11.69 -2.40 2.33
N VAL A 164 -10.86 -3.43 2.33
CA VAL A 164 -9.47 -3.30 2.71
C VAL A 164 -8.65 -3.91 1.57
N GLU A 165 -7.59 -3.22 1.13
CA GLU A 165 -6.73 -3.74 0.08
C GLU A 165 -5.26 -3.62 0.51
N TRP A 166 -4.40 -4.54 0.08
CA TRP A 166 -2.97 -4.56 0.40
C TRP A 166 -2.18 -4.84 -0.85
N GLY A 167 -0.97 -4.33 -0.95
CA GLY A 167 -0.14 -4.66 -2.09
C GLY A 167 0.67 -3.52 -2.63
N GLY A 168 1.26 -3.76 -3.78
CA GLY A 168 2.10 -2.78 -4.43
C GLY A 168 1.46 -2.00 -5.55
N GLU A 169 2.01 -0.81 -5.75
CA GLU A 169 1.58 0.10 -6.79
C GLU A 169 2.78 0.87 -7.31
N ILE A 170 2.89 1.04 -8.61
CA ILE A 170 3.89 1.91 -9.22
C ILE A 170 3.15 3.08 -9.92
N TYR A 171 3.86 4.20 -10.08
CA TYR A 171 3.35 5.33 -10.83
C TYR A 171 4.31 5.57 -11.96
N ASP A 172 3.86 5.29 -13.17
CA ASP A 172 4.63 5.44 -14.39
C ASP A 172 4.51 6.88 -14.99
N SER A 173 5.52 7.74 -14.74
CA SER A 173 5.56 9.09 -15.30
C SER A 173 5.90 9.09 -16.80
N SER A 174 6.32 7.94 -17.37
CA SER A 174 6.64 7.84 -18.80
C SER A 174 5.37 7.69 -19.68
N GLY A 175 4.22 7.42 -19.06
CA GLY A 175 2.97 7.36 -19.78
C GLY A 175 2.71 6.09 -20.53
N THR A 176 3.38 4.99 -20.17
CA THR A 176 3.08 3.70 -20.81
C THR A 176 1.93 2.93 -20.07
N GLY A 177 1.29 3.56 -19.06
CA GLY A 177 0.23 2.96 -18.24
C GLY A 177 0.72 1.94 -17.20
N GLY A 178 2.04 1.82 -17.06
CA GLY A 178 2.67 0.81 -16.22
C GLY A 178 2.93 -0.49 -16.98
N PHE A 179 2.62 -0.51 -18.30
CA PHE A 179 2.76 -1.69 -19.14
C PHE A 179 4.13 -1.83 -19.76
N HIS A 180 4.94 -0.77 -19.84
CA HIS A 180 6.27 -0.87 -20.45
C HIS A 180 7.29 0.00 -19.73
N THR A 181 7.51 -0.26 -18.44
CA THR A 181 8.46 0.50 -17.63
C THR A 181 9.11 -0.42 -16.62
N THR A 182 10.45 -0.38 -16.56
CA THR A 182 11.27 -1.19 -15.66
C THR A 182 11.32 -0.63 -14.22
N THR A 183 10.35 0.25 -13.87
CA THR A 183 10.15 0.76 -12.52
C THR A 183 9.67 -0.45 -11.72
N GLN A 184 10.47 -0.88 -10.74
CA GLN A 184 10.22 -2.10 -10.01
C GLN A 184 9.13 -1.96 -8.98
N MET A 185 8.40 -3.06 -8.75
CA MET A 185 7.38 -3.12 -7.70
C MET A 185 7.80 -4.19 -6.69
N GLY A 186 7.70 -3.85 -5.42
CA GLY A 186 8.11 -4.74 -4.35
C GLY A 186 9.62 -4.80 -4.30
N SER A 187 10.18 -5.99 -4.48
CA SER A 187 11.63 -6.15 -4.50
C SER A 187 12.26 -5.91 -5.88
N GLY A 188 11.44 -5.90 -6.93
CA GLY A 188 11.91 -5.86 -8.31
C GLY A 188 11.94 -7.27 -8.92
N HIS A 189 11.43 -8.27 -8.18
CA HIS A 189 11.38 -9.67 -8.56
C HIS A 189 9.94 -10.18 -8.48
N PHE A 190 9.58 -11.14 -9.36
CA PHE A 190 8.24 -11.72 -9.42
C PHE A 190 7.91 -12.52 -8.15
N PRO A 191 6.65 -12.57 -7.70
CA PRO A 191 6.33 -13.25 -6.43
C PRO A 191 6.72 -14.74 -6.34
N THR A 192 6.88 -15.45 -7.47
CA THR A 192 7.31 -16.86 -7.45
C THR A 192 8.68 -17.06 -6.81
N GLU A 193 9.50 -16.00 -6.73
CA GLU A 193 10.82 -16.07 -6.12
C GLU A 193 10.70 -16.41 -4.62
N GLY A 194 9.64 -15.96 -3.97
CA GLY A 194 9.39 -16.32 -2.58
C GLY A 194 10.10 -15.49 -1.53
N TYR A 195 10.20 -16.03 -0.32
CA TYR A 195 10.77 -15.31 0.80
C TYR A 195 12.22 -14.93 0.58
N GLY A 196 12.55 -13.69 0.93
CA GLY A 196 13.91 -13.19 0.79
C GLY A 196 14.27 -12.67 -0.59
N LYS A 197 13.44 -12.97 -1.61
CA LYS A 197 13.70 -12.61 -3.00
C LYS A 197 12.56 -11.77 -3.61
N ALA A 198 11.33 -12.11 -3.25
CA ALA A 198 10.15 -11.35 -3.67
C ALA A 198 9.52 -10.74 -2.43
N SER A 199 8.95 -9.56 -2.59
CA SER A 199 8.34 -8.87 -1.46
C SER A 199 7.01 -9.51 -1.06
N TYR A 200 6.58 -9.29 0.17
CA TYR A 200 5.33 -9.85 0.67
C TYR A 200 4.60 -8.89 1.61
N VAL A 201 3.34 -9.23 1.90
CA VAL A 201 2.48 -8.59 2.87
C VAL A 201 1.89 -9.73 3.68
N ARG A 202 2.13 -9.72 5.00
CA ARG A 202 1.54 -10.74 5.87
C ARG A 202 0.67 -9.99 6.93
N ASP A 203 0.04 -10.71 7.88
CA ASP A 203 -0.90 -10.13 8.86
C ASP A 203 -2.02 -9.42 8.11
N LEU A 204 -2.61 -10.14 7.17
CA LEU A 204 -3.69 -9.70 6.29
C LEU A 204 -4.98 -9.79 7.06
N GLN A 205 -5.08 -8.92 8.08
CA GLN A 205 -6.14 -8.93 9.05
C GLN A 205 -6.97 -7.69 9.05
N CYS A 206 -8.23 -7.82 9.42
CA CYS A 206 -9.10 -6.68 9.61
C CYS A 206 -10.05 -6.98 10.76
N VAL A 207 -10.69 -5.94 11.33
CA VAL A 207 -11.50 -6.10 12.52
C VAL A 207 -12.96 -5.89 12.19
N ASP A 208 -13.88 -6.67 12.77
CA ASP A 208 -15.32 -6.47 12.54
C ASP A 208 -15.90 -5.45 13.59
N THR A 209 -17.22 -5.19 13.60
CA THR A 209 -17.81 -4.25 14.57
C THR A 209 -17.66 -4.70 16.04
N TYR A 210 -17.49 -6.01 16.25
CA TYR A 210 -17.38 -6.59 17.58
C TYR A 210 -15.93 -6.67 18.08
N GLY A 211 -14.98 -6.06 17.38
CA GLY A 211 -13.57 -6.06 17.77
C GLY A 211 -12.82 -7.36 17.52
N ASN A 212 -13.42 -8.27 16.75
CA ASN A 212 -12.80 -9.54 16.43
C ASN A 212 -11.98 -9.49 15.11
N VAL A 213 -10.74 -9.96 15.16
CA VAL A 213 -9.84 -10.00 14.02
C VAL A 213 -10.27 -11.09 13.00
N ILE A 214 -10.48 -10.66 11.77
CA ILE A 214 -10.81 -11.51 10.66
C ILE A 214 -9.53 -11.78 9.89
N SER A 215 -9.18 -13.04 9.72
CA SER A 215 -8.03 -13.41 8.91
C SER A 215 -8.53 -14.24 7.70
N PRO A 216 -8.94 -13.56 6.62
CA PRO A 216 -9.48 -14.28 5.47
C PRO A 216 -8.47 -15.20 4.81
N THR A 217 -8.95 -16.28 4.25
CA THR A 217 -8.15 -17.23 3.49
C THR A 217 -8.04 -16.72 2.03
N ALA A 218 -7.11 -17.29 1.23
CA ALA A 218 -6.90 -16.87 -0.16
C ALA A 218 -8.18 -16.84 -0.98
N ASN A 219 -9.13 -17.72 -0.64
CA ASN A 219 -10.44 -17.94 -1.24
C ASN A 219 -11.35 -16.71 -1.14
N SER A 220 -11.18 -15.92 -0.06
CA SER A 220 -12.02 -14.77 0.24
C SER A 220 -11.42 -13.42 -0.23
N PHE A 221 -10.25 -13.44 -0.91
CA PHE A 221 -9.57 -12.25 -1.43
C PHE A 221 -9.67 -12.17 -2.92
N GLN A 222 -9.82 -10.96 -3.48
CA GLN A 222 -9.85 -10.80 -4.93
C GLN A 222 -8.53 -10.20 -5.41
N GLY A 223 -7.77 -10.98 -6.16
CA GLY A 223 -6.50 -10.54 -6.71
C GLY A 223 -6.61 -9.62 -7.91
N ILE A 224 -5.90 -8.50 -7.88
CA ILE A 224 -5.86 -7.53 -8.96
C ILE A 224 -4.41 -7.35 -9.39
N ALA A 225 -4.09 -7.54 -10.65
CA ALA A 225 -2.76 -7.34 -11.24
C ALA A 225 -2.98 -7.19 -12.73
N PRO A 226 -3.38 -6.00 -13.19
CA PRO A 226 -3.74 -5.84 -14.59
C PRO A 226 -2.57 -5.93 -15.58
N ALA A 227 -1.32 -5.87 -15.12
CA ALA A 227 -0.16 -6.04 -16.01
C ALA A 227 0.65 -7.30 -15.57
N PRO A 228 0.11 -8.55 -15.71
CA PRO A 228 0.80 -9.74 -15.15
C PRO A 228 2.21 -10.02 -15.70
N ASN A 229 2.56 -9.51 -16.88
CA ASN A 229 3.90 -9.62 -17.46
C ASN A 229 4.93 -8.74 -16.79
N CYS A 230 4.47 -7.71 -16.04
CA CYS A 230 5.30 -6.71 -15.41
C CYS A 230 5.34 -6.92 -13.90
N TYR A 231 4.16 -6.94 -13.27
CA TYR A 231 4.03 -7.09 -11.84
C TYR A 231 2.97 -8.11 -11.56
N ASN A 232 3.25 -9.00 -10.62
CA ASN A 232 2.31 -10.06 -10.31
C ASN A 232 2.15 -10.28 -8.80
N TYR A 233 1.09 -11.00 -8.40
CA TYR A 233 0.83 -11.35 -7.03
C TYR A 233 0.74 -12.90 -6.92
N GLN A 234 0.97 -13.43 -5.73
CA GLN A 234 0.90 -14.86 -5.48
C GLN A 234 0.75 -15.18 -4.00
N PHE A 235 -0.31 -15.89 -3.64
CA PHE A 235 -0.48 -16.33 -2.26
C PHE A 235 0.49 -17.47 -2.00
N GLN A 236 1.02 -17.55 -0.78
CA GLN A 236 1.92 -18.61 -0.39
C GLN A 236 1.61 -18.96 1.03
N GLN A 237 1.21 -20.19 1.28
CA GLN A 237 0.86 -20.63 2.63
C GLN A 237 2.11 -20.86 3.43
N GLY A 238 2.34 -19.98 4.41
CA GLY A 238 3.44 -20.13 5.34
C GLY A 238 3.03 -21.06 6.46
N SER A 239 4.00 -21.43 7.32
CA SER A 239 3.80 -22.33 8.45
C SER A 239 2.74 -21.82 9.45
N SER A 240 2.73 -20.50 9.70
CA SER A 240 1.80 -19.93 10.68
C SER A 240 0.75 -18.99 10.06
N GLU A 241 0.97 -18.50 8.82
CA GLU A 241 -0.01 -17.60 8.21
C GLU A 241 0.11 -17.45 6.69
N LEU A 242 -0.94 -16.89 6.10
CA LEU A 242 -0.99 -16.63 4.68
C LEU A 242 -0.09 -15.45 4.29
N TYR A 243 0.70 -15.62 3.24
CA TYR A 243 1.52 -14.54 2.72
C TYR A 243 1.01 -14.12 1.36
N LEU A 244 1.06 -12.82 1.09
CA LEU A 244 0.81 -12.26 -0.22
C LEU A 244 2.14 -11.81 -0.81
N PHE A 245 2.67 -12.56 -1.75
CA PHE A 245 3.85 -12.13 -2.47
C PHE A 245 3.34 -11.23 -3.65
N TYR A 246 4.09 -10.19 -4.01
CA TYR A 246 3.65 -9.25 -5.05
C TYR A 246 4.88 -8.52 -5.68
N GLY A 247 4.65 -7.87 -6.81
CA GLY A 247 5.68 -7.08 -7.45
C GLY A 247 6.28 -7.70 -8.69
N GLY A 248 7.40 -7.15 -9.10
CA GLY A 248 8.06 -7.60 -10.30
C GLY A 248 8.99 -6.56 -10.84
N PRO A 249 9.75 -6.94 -11.87
CA PRO A 249 10.74 -6.02 -12.43
C PRO A 249 10.17 -4.94 -13.35
N GLY A 250 8.92 -5.05 -13.73
CA GLY A 250 8.34 -4.18 -14.75
C GLY A 250 8.58 -4.78 -16.12
N CYS A 251 8.08 -4.10 -17.16
CA CYS A 251 8.21 -4.62 -18.52
C CYS A 251 9.18 -3.82 -19.35
N GLN A 252 9.74 -4.47 -20.35
CA GLN A 252 10.66 -3.84 -21.27
C GLN A 252 9.89 -2.83 -22.14
N ALA A 253 10.62 -1.89 -22.74
CA ALA A 253 9.97 -0.92 -23.64
C ALA A 253 9.48 -1.64 -24.88
N ILE A 254 8.43 -1.07 -25.53
CA ILE A 254 7.87 -1.59 -26.80
C ILE A 254 8.99 -1.61 -27.81
N ALA A 255 9.25 -2.78 -28.43
CA ALA A 255 10.33 -2.97 -29.39
C ALA A 255 10.39 -1.86 -30.45
N HIS A 256 11.59 -1.40 -30.75
CA HIS A 256 11.80 -0.35 -31.71
C HIS A 256 12.95 -0.79 -32.61
N HIS A 257 12.59 -1.69 -33.54
CA HIS A 257 13.53 -2.28 -34.48
C HIS A 257 13.42 -1.71 -35.90
N HIS A 258 12.62 -0.65 -36.12
CA HIS A 258 12.57 -0.02 -37.43
C HIS A 258 13.86 0.72 -37.70
N HIS A 259 14.30 0.76 -38.94
CA HIS A 259 15.52 1.47 -39.32
C HIS A 259 15.41 1.96 -40.74
N HIS A 260 14.24 2.51 -41.09
CA HIS A 260 13.99 2.99 -42.43
C HIS A 260 14.70 4.30 -42.64
N HIS A 261 15.49 4.40 -43.69
CA HIS A 261 16.17 5.64 -44.00
C HIS A 261 15.20 6.55 -44.82
C1 NAG B . -4.00 -6.76 14.37
C2 NAG B . -2.86 -6.21 15.22
C3 NAG B . -3.26 -6.31 16.69
C4 NAG B . -4.56 -5.54 16.94
C5 NAG B . -5.66 -5.92 15.94
C6 NAG B . -6.77 -4.89 15.88
C7 NAG B . -0.70 -6.58 14.11
C8 NAG B . 0.39 -7.57 13.82
N2 NAG B . -1.65 -6.98 14.96
O3 NAG B . -2.25 -5.73 17.52
O4 NAG B . -4.94 -5.75 18.28
O5 NAG B . -5.16 -5.96 14.59
O6 NAG B . -7.76 -5.06 16.87
O7 NAG B . -0.71 -5.47 13.58
C1 NAG B . -5.49 -4.66 18.94
C2 NAG B . -5.73 -5.02 20.41
C3 NAG B . -6.44 -3.81 21.00
C4 NAG B . -5.61 -2.55 20.85
C5 NAG B . -5.18 -2.35 19.39
C6 NAG B . -4.16 -1.26 19.21
C7 NAG B . -6.14 -7.37 21.00
C8 NAG B . -7.17 -8.45 21.10
N2 NAG B . -6.56 -6.20 20.49
O3 NAG B . -6.67 -4.10 22.37
O4 NAG B . -6.38 -1.40 21.19
O5 NAG B . -4.61 -3.55 18.87
O6 NAG B . -2.93 -1.57 19.85
O7 NAG B . -4.99 -7.54 21.37
C1 BMA B . -6.37 -0.95 22.49
C2 BMA B . -6.68 0.54 22.50
C3 BMA B . -6.80 1.04 23.94
C4 BMA B . -7.81 0.19 24.71
C5 BMA B . -7.38 -1.27 24.63
C6 BMA B . -8.31 -2.21 25.33
O2 BMA B . -7.89 0.78 21.80
O3 BMA B . -7.16 2.41 23.95
O4 BMA B . -7.87 0.60 26.07
O5 BMA B . -7.34 -1.66 23.25
O6 BMA B . -9.60 -2.15 24.75
C1 MAN B . -10.54 -2.91 25.43
C2 MAN B . -11.82 -2.95 24.60
C3 MAN B . -12.61 -1.64 24.69
C4 MAN B . -12.74 -1.14 26.11
C5 MAN B . -11.39 -1.12 26.82
C6 MAN B . -11.49 -0.74 28.27
O2 MAN B . -12.61 -4.09 24.94
O3 MAN B . -13.93 -1.83 24.16
O4 MAN B . -13.23 0.19 26.10
O5 MAN B . -10.80 -2.42 26.75
O6 MAN B . -10.22 -0.70 28.93
C1 MAN B . -14.40 -1.03 23.08
C2 MAN B . -15.92 -0.91 23.22
C3 MAN B . -16.62 -2.23 22.88
C4 MAN B . -16.12 -2.83 21.58
C5 MAN B . -14.60 -2.92 21.62
C6 MAN B . -13.97 -3.52 20.39
O2 MAN B . -16.42 0.16 22.42
O3 MAN B . -18.04 -2.05 22.86
O4 MAN B . -16.64 -4.16 21.41
O5 MAN B . -14.06 -1.61 21.81
O6 MAN B . -13.27 -4.72 20.74
C1 MAN B . -6.14 3.39 23.77
C2 MAN B . -6.53 4.63 24.56
C3 MAN B . -7.79 5.25 23.98
C4 MAN B . -7.62 5.53 22.49
C5 MAN B . -7.17 4.27 21.77
C6 MAN B . -6.85 4.51 20.30
O2 MAN B . -5.45 5.56 24.54
O3 MAN B . -8.13 6.46 24.66
O4 MAN B . -8.86 5.97 21.95
O5 MAN B . -5.98 3.74 22.39
O6 MAN B . -6.51 3.33 19.59
C1 NAG C . -23.49 -5.52 7.97
C2 NAG C . -24.90 -6.12 8.01
C3 NAG C . -24.97 -7.03 9.24
C4 NAG C . -23.95 -8.15 9.07
C5 NAG C . -22.56 -7.53 8.94
C6 NAG C . -21.47 -8.55 8.64
C7 NAG C . -26.22 -4.10 8.72
C8 NAG C . -27.57 -3.48 8.63
N2 NAG C . -26.05 -5.22 7.97
O3 NAG C . -26.27 -7.59 9.40
O4 NAG C . -24.04 -9.10 10.15
O5 NAG C . -22.54 -6.59 7.85
O6 NAG C . -21.72 -9.24 7.42
O7 NAG C . -25.32 -3.61 9.39
C1 PGE D . -9.89 1.85 -3.54
O1 PGE D . -10.89 0.96 -3.06
C2 PGE D . -8.51 1.50 -3.06
O2 PGE D . -7.87 0.55 -3.93
C3 PGE D . -6.94 1.12 -4.84
C4 PGE D . -6.17 0.06 -5.60
O4 PGE D . -7.95 -0.34 -9.77
C6 PGE D . -7.33 -1.29 -8.87
C5 PGE D . -6.38 -0.63 -7.88
O3 PGE D . -6.97 -0.58 -6.59
C1 PGE E . 11.95 -18.51 7.95
O1 PGE E . 12.06 -19.80 8.53
C2 PGE E . 10.68 -17.85 8.35
O2 PGE E . 10.42 -16.72 7.53
C3 PGE E . 9.10 -16.73 6.99
C4 PGE E . 9.05 -17.48 5.69
O4 PGE E . 6.24 -19.45 3.34
C6 PGE E . 6.28 -18.03 3.35
C5 PGE E . 7.63 -17.53 3.78
O3 PGE E . 7.72 -17.51 5.19
#